data_5K44
#
_entry.id   5K44
#
_cell.length_a   127.225
_cell.length_b   127.225
_cell.length_c   207.605
_cell.angle_alpha   90.000
_cell.angle_beta   90.000
_cell.angle_gamma   90.000
#
_symmetry.space_group_name_H-M   'I 41 2 2'
#
loop_
_entity.id
_entity.type
_entity.pdbx_description
1 polymer 'Alpha,alpha-trehalose-phosphate synthase'
2 branched 6-O-phosphono-alpha-D-glucopyranose-(1-1)-alpha-D-glucopyranose
3 non-polymer '2-[N-CYCLOHEXYLAMINO]ETHANE SULFONIC ACID'
4 non-polymer 1,2-ETHANEDIOL
5 water water
#
_entity_poly.entity_id   1
_entity_poly.type   'polypeptide(L)'
_entity_poly.pdbx_seq_one_letter_code
;SMADRGDSGDSDFVVVANRLPIDLERAPDGTTSWKRSPGGLVTALEPLLRRRRGAWIGWPGIPDSDEDPIVDGDLVLYPV
RLSADDVAQYYEGFSNATLWPLYHDVIVKPIYNRQWWERYVEVNRRFAEATSRAAARGATVWVQDYQLQLVPKMLRELRP
DLTIGFFLHIPFPPVELFMQLPWRTEITDGLLGADLVGFHLPGGAQNFLFLARRLVGANTSRASVGVRSKFGEVQIGSRT
VKVGAFPISIDSADLDRQARQRSIRQRARQIRAELGNPRRILLGVDRLDYTKGIDVRLQAFAELLAEGRVNREDTVFVQL
ATPSRERVEAYRLLRDDIERQVGHINGEYGEVGHPVVHYLHRPVPREELIAFFVAADVMLVTPLRDGMNLVAKEYVACRS
DLGGALVLSEFTGAAAELGQAYLVNPHNLDHVKDTMVAALNQTPEEGRRRMRALRRQVLAHDVDLWARSFLDALASTRTG
DADAVPV
;
_entity_poly.pdbx_strand_id   A
#
# COMPACT_ATOMS: atom_id res chain seq x y z
N GLY A 9 7.67 23.85 -18.88
CA GLY A 9 8.77 22.90 -19.08
C GLY A 9 8.65 22.14 -20.37
N ASP A 10 9.39 21.03 -20.48
CA ASP A 10 9.41 20.26 -21.72
C ASP A 10 9.02 18.80 -21.54
N SER A 11 8.16 18.51 -20.57
CA SER A 11 7.67 17.14 -20.36
C SER A 11 6.15 17.05 -20.59
N ASP A 12 5.73 16.07 -21.37
CA ASP A 12 4.31 15.90 -21.69
C ASP A 12 3.64 14.82 -20.84
N PHE A 13 4.43 14.12 -20.04
CA PHE A 13 3.88 13.22 -19.04
C PHE A 13 4.66 13.34 -17.74
N VAL A 14 3.96 13.66 -16.66
CA VAL A 14 4.60 14.01 -15.40
C VAL A 14 3.99 13.27 -14.22
N VAL A 15 4.83 12.57 -13.47
CA VAL A 15 4.38 11.91 -12.26
C VAL A 15 4.81 12.73 -11.07
N VAL A 16 3.91 12.85 -10.10
CA VAL A 16 4.13 13.62 -8.89
C VAL A 16 3.90 12.71 -7.68
N ALA A 17 4.95 12.49 -6.89
CA ALA A 17 4.82 11.63 -5.71
C ALA A 17 5.68 12.18 -4.59
N ASN A 18 5.35 11.83 -3.35
CA ASN A 18 6.13 12.28 -2.22
C ASN A 18 7.63 12.02 -2.38
N ARG A 19 7.99 10.83 -2.86
CA ARG A 19 9.39 10.50 -3.08
C ARG A 19 9.76 10.29 -4.55
N LEU A 20 10.96 10.72 -4.92
CA LEU A 20 11.54 10.33 -6.19
C LEU A 20 11.71 8.81 -6.24
N PRO A 21 11.65 8.21 -7.43
CA PRO A 21 11.77 6.75 -7.53
C PRO A 21 13.23 6.30 -7.50
N ILE A 22 13.96 6.67 -6.45
CA ILE A 22 15.37 6.32 -6.30
C ILE A 22 15.68 5.83 -4.89
N ASP A 23 16.89 5.31 -4.69
CA ASP A 23 17.32 4.84 -3.37
C ASP A 23 18.51 5.63 -2.85
N TRP A 34 23.25 7.42 -5.35
CA TRP A 34 21.87 6.96 -5.49
C TRP A 34 21.67 6.12 -6.74
N LYS A 35 20.68 5.24 -6.71
CA LYS A 35 20.33 4.41 -7.85
C LYS A 35 18.81 4.31 -8.00
N ARG A 36 18.36 4.09 -9.22
CA ARG A 36 16.92 3.99 -9.51
C ARG A 36 16.28 2.80 -8.80
N SER A 37 15.14 3.03 -8.16
CA SER A 37 14.43 1.95 -7.46
C SER A 37 13.90 0.92 -8.44
N PRO A 38 14.14 -0.36 -8.14
CA PRO A 38 13.62 -1.45 -8.97
C PRO A 38 12.11 -1.63 -8.83
N GLY A 39 11.46 -2.11 -9.88
CA GLY A 39 10.04 -2.42 -9.84
C GLY A 39 9.12 -1.25 -9.57
N GLY A 40 7.95 -1.55 -9.02
CA GLY A 40 6.98 -0.54 -8.65
C GLY A 40 6.42 0.25 -9.82
N LEU A 41 5.94 1.44 -9.50
CA LEU A 41 5.31 2.34 -10.46
C LEU A 41 6.24 2.66 -11.63
N VAL A 42 7.44 3.11 -11.29
CA VAL A 42 8.40 3.62 -12.28
C VAL A 42 8.70 2.57 -13.36
N THR A 43 8.63 1.29 -12.99
CA THR A 43 8.91 0.24 -13.97
C THR A 43 7.66 -0.06 -14.80
N ALA A 44 6.49 0.04 -14.17
CA ALA A 44 5.24 -0.16 -14.88
C ALA A 44 5.10 0.84 -16.04
N LEU A 45 5.58 2.06 -15.84
CA LEU A 45 5.48 3.12 -16.86
C LEU A 45 6.56 3.08 -17.94
N GLU A 46 7.53 2.17 -17.82
CA GLU A 46 8.67 2.11 -18.72
C GLU A 46 8.33 2.16 -20.22
N PRO A 47 7.30 1.42 -20.67
CA PRO A 47 7.02 1.54 -22.12
C PRO A 47 6.26 2.82 -22.51
N LEU A 48 5.75 3.57 -21.53
CA LEU A 48 5.12 4.85 -21.83
C LEU A 48 6.19 5.93 -21.96
N LEU A 49 7.20 5.85 -21.09
CA LEU A 49 8.33 6.76 -21.12
C LEU A 49 9.14 6.59 -22.41
N ARG A 50 9.02 5.42 -23.02
CA ARG A 50 9.68 5.14 -24.30
C ARG A 50 8.93 5.82 -25.45
N ARG A 51 7.82 6.48 -25.13
CA ARG A 51 7.00 7.14 -26.14
C ARG A 51 6.63 8.58 -25.74
N ARG A 52 7.03 8.98 -24.53
CA ARG A 52 6.76 10.33 -24.05
C ARG A 52 8.03 11.01 -23.54
N ARG A 53 7.97 12.31 -23.34
CA ARG A 53 9.03 13.03 -22.64
C ARG A 53 8.63 13.08 -21.17
N GLY A 54 9.11 12.14 -20.37
CA GLY A 54 8.59 11.95 -19.03
C GLY A 54 9.36 12.63 -17.92
N ALA A 55 8.64 13.05 -16.89
CA ALA A 55 9.23 13.66 -15.71
C ALA A 55 8.67 13.08 -14.42
N TRP A 56 9.48 13.09 -13.37
CA TRP A 56 9.04 12.66 -12.06
C TRP A 56 9.38 13.72 -11.03
N ILE A 57 8.37 14.19 -10.30
CA ILE A 57 8.55 15.20 -9.27
C ILE A 57 8.46 14.55 -7.89
N GLY A 58 9.46 14.75 -7.05
CA GLY A 58 9.40 14.23 -5.69
C GLY A 58 10.56 14.65 -4.81
N TRP A 59 10.44 14.36 -3.52
CA TRP A 59 11.51 14.58 -2.55
C TRP A 59 12.53 13.46 -2.61
N PRO A 60 13.83 13.80 -2.71
CA PRO A 60 14.90 12.81 -2.84
C PRO A 60 15.18 12.00 -1.58
N GLY A 61 14.43 12.25 -0.51
CA GLY A 61 14.52 11.43 0.69
C GLY A 61 15.58 11.84 1.68
N ILE A 62 16.30 12.91 1.38
CA ILE A 62 17.27 13.47 2.32
C ILE A 62 17.00 14.96 2.53
N PRO A 63 17.11 15.43 3.78
CA PRO A 63 16.76 16.82 4.13
C PRO A 63 17.66 17.87 3.50
N ASP A 64 17.05 18.99 3.10
CA ASP A 64 17.74 20.15 2.52
C ASP A 64 18.68 19.80 1.36
N SER A 65 18.10 19.57 0.20
CA SER A 65 18.86 19.28 -1.01
C SER A 65 18.62 20.35 -2.07
N ASP A 66 19.33 20.23 -3.18
CA ASP A 66 19.11 21.11 -4.33
C ASP A 66 17.81 20.76 -5.02
N GLU A 67 17.34 21.64 -5.90
CA GLU A 67 16.16 21.36 -6.70
C GLU A 67 16.52 21.35 -8.18
N ASP A 68 17.76 20.98 -8.49
CA ASP A 68 18.23 20.92 -9.86
C ASP A 68 17.87 19.59 -10.52
N PRO A 69 17.20 19.66 -11.67
CA PRO A 69 16.77 18.49 -12.46
C PRO A 69 17.89 17.50 -12.72
N ILE A 70 17.56 16.21 -12.69
CA ILE A 70 18.52 15.16 -12.97
C ILE A 70 18.02 14.29 -14.13
N VAL A 71 18.79 14.25 -15.21
CA VAL A 71 18.41 13.42 -16.34
C VAL A 71 18.82 11.96 -16.11
N ASP A 72 17.83 11.14 -15.78
CA ASP A 72 18.08 9.72 -15.57
C ASP A 72 17.75 8.91 -16.83
N GLY A 73 18.17 9.43 -17.98
CA GLY A 73 17.99 8.76 -19.25
C GLY A 73 16.54 8.63 -19.70
N ASP A 74 15.83 7.69 -19.08
CA ASP A 74 14.44 7.39 -19.43
C ASP A 74 13.49 8.40 -18.78
N LEU A 75 14.02 9.20 -17.89
CA LEU A 75 13.21 10.07 -17.05
C LEU A 75 13.98 11.33 -16.71
N VAL A 76 13.25 12.43 -16.51
CA VAL A 76 13.84 13.61 -15.90
C VAL A 76 13.30 13.73 -14.47
N LEU A 77 14.20 13.82 -13.51
CA LEU A 77 13.82 13.88 -12.10
C LEU A 77 13.89 15.31 -11.58
N TYR A 78 12.78 15.79 -11.02
CA TYR A 78 12.73 17.12 -10.42
C TYR A 78 12.65 17.01 -8.90
N PRO A 79 13.79 17.16 -8.21
CA PRO A 79 13.82 17.05 -6.75
C PRO A 79 13.14 18.22 -6.04
N VAL A 80 12.36 17.91 -5.01
CA VAL A 80 11.73 18.94 -4.18
C VAL A 80 12.48 19.05 -2.86
N ARG A 81 12.93 20.26 -2.54
CA ARG A 81 13.63 20.51 -1.28
C ARG A 81 12.67 20.51 -0.08
N LEU A 82 12.94 19.64 0.89
CA LEU A 82 12.24 19.64 2.17
C LEU A 82 13.25 19.75 3.30
N SER A 83 13.01 20.68 4.23
CA SER A 83 13.87 20.78 5.40
C SER A 83 13.49 19.67 6.38
N ALA A 84 14.31 19.45 7.39
CA ALA A 84 14.00 18.49 8.44
C ALA A 84 12.70 18.89 9.13
N ASP A 85 12.48 20.20 9.24
CA ASP A 85 11.28 20.72 9.87
C ASP A 85 10.05 20.48 8.98
N ASP A 86 10.23 20.61 7.67
CA ASP A 86 9.17 20.28 6.71
C ASP A 86 8.77 18.81 6.83
N VAL A 87 9.77 17.95 6.92
CA VAL A 87 9.51 16.51 7.04
C VAL A 87 8.75 16.22 8.32
N ALA A 88 9.16 16.86 9.41
CA ALA A 88 8.51 16.63 10.70
C ALA A 88 7.04 17.04 10.70
N GLN A 89 6.73 18.19 10.09
CA GLN A 89 5.37 18.74 10.18
C GLN A 89 4.44 18.36 9.02
N TYR A 90 4.97 18.28 7.80
CA TYR A 90 4.18 17.84 6.64
C TYR A 90 4.05 16.32 6.53
N TYR A 91 5.15 15.61 6.74
CA TYR A 91 5.20 14.18 6.48
C TYR A 91 4.97 13.34 7.74
N GLU A 92 5.89 13.42 8.69
CA GLU A 92 5.71 12.71 9.96
C GLU A 92 4.50 13.26 10.74
N GLY A 93 4.21 14.54 10.55
CA GLY A 93 3.10 15.19 11.23
C GLY A 93 1.78 15.01 10.53
N PHE A 94 1.44 15.93 9.62
CA PHE A 94 0.12 15.89 9.00
C PHE A 94 -0.15 14.57 8.25
N SER A 95 0.81 14.11 7.46
CA SER A 95 0.57 12.89 6.69
C SER A 95 0.49 11.67 7.60
N ASN A 96 1.55 11.39 8.36
CA ASN A 96 1.62 10.14 9.14
C ASN A 96 0.81 10.12 10.43
N ALA A 97 0.54 11.30 11.00
CA ALA A 97 -0.14 11.37 12.31
C ALA A 97 -1.49 12.09 12.31
N THR A 98 -1.87 12.67 11.19
CA THR A 98 -3.25 13.16 11.03
C THR A 98 -4.01 12.30 10.00
N LEU A 99 -3.57 12.36 8.74
CA LEU A 99 -4.32 11.71 7.67
C LEU A 99 -4.27 10.18 7.76
N TRP A 100 -3.08 9.62 7.97
CA TRP A 100 -2.93 8.16 7.99
C TRP A 100 -3.88 7.50 9.01
N PRO A 101 -3.83 7.92 10.29
CA PRO A 101 -4.76 7.19 11.18
C PRO A 101 -6.24 7.46 10.86
N LEU A 102 -6.57 8.66 10.42
CA LEU A 102 -7.97 9.00 10.10
C LEU A 102 -8.50 8.16 8.95
N TYR A 103 -7.72 8.07 7.87
CA TYR A 103 -8.17 7.34 6.69
C TYR A 103 -8.22 5.83 6.94
N HIS A 104 -7.44 5.34 7.92
CA HIS A 104 -7.51 3.93 8.31
C HIS A 104 -8.42 3.69 9.54
N ASP A 105 -9.61 4.27 9.52
CA ASP A 105 -10.65 3.98 10.54
C ASP A 105 -10.20 4.25 11.99
N VAL A 106 -9.47 5.35 12.15
CA VAL A 106 -9.00 5.84 13.45
C VAL A 106 -8.61 4.74 14.44
N ILE A 107 -7.84 3.77 13.97
CA ILE A 107 -7.27 2.75 14.84
C ILE A 107 -6.47 3.39 15.97
N VAL A 108 -5.82 4.49 15.60
CA VAL A 108 -5.14 5.36 16.55
C VAL A 108 -5.79 6.74 16.42
N LYS A 109 -5.81 7.51 17.49
CA LYS A 109 -6.44 8.84 17.46
C LYS A 109 -5.66 9.83 16.60
N PRO A 110 -6.30 10.41 15.56
CA PRO A 110 -5.55 11.39 14.80
C PRO A 110 -5.22 12.60 15.66
N ILE A 111 -4.11 13.25 15.35
CA ILE A 111 -3.74 14.51 15.99
C ILE A 111 -4.12 15.64 15.05
N TYR A 112 -4.91 16.58 15.53
CA TYR A 112 -5.27 17.73 14.70
C TYR A 112 -4.47 18.92 15.17
N ASN A 113 -3.51 19.29 14.32
CA ASN A 113 -2.52 20.30 14.64
C ASN A 113 -2.50 21.35 13.54
N ARG A 114 -2.73 22.61 13.87
CA ARG A 114 -2.81 23.66 12.84
C ARG A 114 -1.47 23.96 12.15
N GLN A 115 -0.38 23.93 12.90
CA GLN A 115 0.94 24.17 12.31
C GLN A 115 1.27 23.07 11.29
N TRP A 116 0.90 21.84 11.59
CA TRP A 116 1.08 20.74 10.65
C TRP A 116 0.30 20.97 9.37
N TRP A 117 -0.96 21.39 9.51
CA TRP A 117 -1.79 21.72 8.35
C TRP A 117 -1.14 22.79 7.48
N GLU A 118 -0.62 23.83 8.13
CA GLU A 118 -0.07 24.96 7.41
C GLU A 118 1.17 24.53 6.64
N ARG A 119 1.96 23.64 7.22
CA ARG A 119 3.15 23.14 6.53
C ARG A 119 2.76 22.19 5.38
N TYR A 120 1.71 21.41 5.60
CA TYR A 120 1.18 20.54 4.56
C TYR A 120 0.72 21.36 3.36
N VAL A 121 0.05 22.50 3.62
CA VAL A 121 -0.33 23.37 2.52
C VAL A 121 0.87 23.92 1.77
N GLU A 122 1.88 24.40 2.51
CA GLU A 122 3.06 25.00 1.91
C GLU A 122 3.85 23.99 1.06
N VAL A 123 4.00 22.78 1.58
CA VAL A 123 4.73 21.74 0.87
C VAL A 123 3.99 21.29 -0.39
N ASN A 124 2.67 21.13 -0.27
CA ASN A 124 1.85 20.81 -1.43
C ASN A 124 1.99 21.89 -2.51
N ARG A 125 2.02 23.16 -2.11
CA ARG A 125 2.22 24.23 -3.10
C ARG A 125 3.57 24.12 -3.78
N ARG A 126 4.59 23.73 -3.01
CA ARG A 126 5.94 23.56 -3.54
C ARG A 126 5.99 22.43 -4.59
N PHE A 127 5.29 21.34 -4.32
CA PHE A 127 5.16 20.24 -5.28
C PHE A 127 4.43 20.71 -6.54
N ALA A 128 3.39 21.53 -6.36
CA ALA A 128 2.62 22.05 -7.48
C ALA A 128 3.47 22.96 -8.37
N GLU A 129 4.30 23.79 -7.75
CA GLU A 129 5.18 24.68 -8.48
C GLU A 129 6.27 23.91 -9.25
N ALA A 130 6.79 22.86 -8.64
CA ALA A 130 7.80 22.02 -9.30
C ALA A 130 7.18 21.34 -10.52
N THR A 131 5.96 20.87 -10.36
CA THR A 131 5.23 20.21 -11.43
C THR A 131 5.04 21.15 -12.61
N SER A 132 4.57 22.37 -12.33
CA SER A 132 4.39 23.37 -13.37
C SER A 132 5.68 23.67 -14.12
N ARG A 133 6.79 23.75 -13.38
CA ARG A 133 8.11 23.97 -13.96
C ARG A 133 8.47 22.89 -14.97
N ALA A 134 8.08 21.65 -14.69
CA ALA A 134 8.46 20.51 -15.53
C ALA A 134 7.48 20.28 -16.69
N ALA A 135 6.21 20.62 -16.47
CA ALA A 135 5.15 20.24 -17.39
C ALA A 135 5.04 21.17 -18.60
N ALA A 136 5.12 20.58 -19.79
CA ALA A 136 4.87 21.29 -21.03
C ALA A 136 3.38 21.63 -21.14
N ARG A 137 3.05 22.45 -22.13
CA ARG A 137 1.67 22.85 -22.36
C ARG A 137 0.79 21.67 -22.75
N GLY A 138 -0.34 21.51 -22.07
CA GLY A 138 -1.28 20.44 -22.38
C GLY A 138 -0.84 19.08 -21.85
N ALA A 139 0.24 19.06 -21.08
CA ALA A 139 0.77 17.82 -20.53
C ALA A 139 -0.22 17.05 -19.66
N THR A 140 0.04 15.75 -19.53
CA THR A 140 -0.72 14.90 -18.63
C THR A 140 0.06 14.72 -17.33
N VAL A 141 -0.62 14.92 -16.21
CA VAL A 141 -0.01 14.86 -14.89
C VAL A 141 -0.72 13.83 -14.02
N TRP A 142 0.06 12.96 -13.39
CA TRP A 142 -0.50 11.95 -12.50
C TRP A 142 0.06 12.12 -11.09
N VAL A 143 -0.77 12.65 -10.21
CA VAL A 143 -0.41 12.89 -8.81
C VAL A 143 -0.69 11.65 -7.97
N GLN A 144 0.27 11.24 -7.14
CA GLN A 144 0.11 10.05 -6.31
C GLN A 144 -0.09 10.34 -4.82
N ASP A 145 -1.20 9.86 -4.29
CA ASP A 145 -1.38 9.50 -2.88
C ASP A 145 -1.61 10.63 -1.89
N TYR A 146 -1.83 10.20 -0.64
CA TYR A 146 -2.49 11.03 0.37
C TYR A 146 -1.68 12.24 0.85
N GLN A 147 -0.37 12.23 0.63
CA GLN A 147 0.47 13.35 1.07
C GLN A 147 0.28 14.59 0.19
N LEU A 148 -0.34 14.40 -0.98
CA LEU A 148 -0.38 15.46 -2.00
C LEU A 148 -1.80 15.76 -2.47
N GLN A 149 -2.76 15.69 -1.55
CA GLN A 149 -4.16 15.85 -1.94
C GLN A 149 -4.56 17.27 -2.32
N LEU A 150 -3.74 18.26 -1.98
CA LEU A 150 -4.03 19.64 -2.36
C LEU A 150 -3.49 19.98 -3.75
N VAL A 151 -2.54 19.19 -4.24
CA VAL A 151 -1.83 19.53 -5.48
C VAL A 151 -2.73 19.67 -6.72
N PRO A 152 -3.72 18.77 -6.92
CA PRO A 152 -4.53 18.97 -8.13
C PRO A 152 -5.21 20.34 -8.23
N LYS A 153 -5.81 20.85 -7.16
CA LYS A 153 -6.43 22.17 -7.24
C LYS A 153 -5.38 23.26 -7.42
N MET A 154 -4.29 23.17 -6.66
CA MET A 154 -3.23 24.17 -6.76
C MET A 154 -2.66 24.21 -8.18
N LEU A 155 -2.51 23.03 -8.77
CA LEU A 155 -1.93 22.92 -10.10
C LEU A 155 -2.88 23.48 -11.16
N ARG A 156 -4.17 23.17 -11.04
CA ARG A 156 -5.15 23.69 -11.99
C ARG A 156 -5.22 25.21 -11.96
N GLU A 157 -5.07 25.80 -10.78
CA GLU A 157 -5.05 27.25 -10.65
C GLU A 157 -3.82 27.85 -11.32
N LEU A 158 -2.68 27.20 -11.14
CA LEU A 158 -1.44 27.65 -11.78
C LEU A 158 -1.46 27.36 -13.28
N ARG A 159 -2.00 26.20 -13.64
CA ARG A 159 -1.87 25.67 -14.99
C ARG A 159 -3.16 25.02 -15.49
N PRO A 160 -4.14 25.84 -15.90
CA PRO A 160 -5.45 25.34 -16.36
C PRO A 160 -5.38 24.51 -17.64
N ASP A 161 -4.21 24.48 -18.28
CA ASP A 161 -4.01 23.75 -19.52
C ASP A 161 -3.75 22.26 -19.29
N LEU A 162 -3.47 21.89 -18.05
CA LEU A 162 -3.03 20.54 -17.75
C LEU A 162 -4.18 19.56 -17.55
N THR A 163 -3.93 18.31 -17.94
CA THR A 163 -4.81 17.20 -17.63
C THR A 163 -4.27 16.54 -16.39
N ILE A 164 -5.12 16.41 -15.36
CA ILE A 164 -4.64 16.01 -14.04
C ILE A 164 -5.39 14.80 -13.49
N GLY A 165 -4.63 13.75 -13.21
CA GLY A 165 -5.19 12.60 -12.52
C GLY A 165 -4.65 12.50 -11.11
N PHE A 166 -5.46 11.97 -10.20
CA PHE A 166 -5.02 11.68 -8.83
C PHE A 166 -5.42 10.27 -8.46
N PHE A 167 -4.49 9.50 -7.89
CA PHE A 167 -4.82 8.17 -7.35
C PHE A 167 -4.46 8.08 -5.87
N LEU A 168 -5.46 7.72 -5.06
CA LEU A 168 -5.26 7.51 -3.62
C LEU A 168 -4.88 6.05 -3.36
N HIS A 169 -3.72 5.82 -2.76
CA HIS A 169 -3.24 4.45 -2.54
C HIS A 169 -3.68 3.85 -1.20
N ILE A 170 -4.18 4.71 -0.30
CA ILE A 170 -4.67 4.24 0.99
C ILE A 170 -6.20 4.32 0.95
N PRO A 171 -6.90 3.74 1.95
CA PRO A 171 -8.36 3.81 1.89
C PRO A 171 -8.90 5.23 1.99
N PHE A 172 -10.07 5.47 1.39
CA PHE A 172 -10.80 6.71 1.65
C PHE A 172 -11.90 6.44 2.67
N PRO A 173 -11.83 7.09 3.84
CA PRO A 173 -12.70 6.72 4.97
C PRO A 173 -14.15 7.14 4.77
N PRO A 174 -15.06 6.56 5.56
CA PRO A 174 -16.45 7.02 5.52
C PRO A 174 -16.54 8.49 5.95
N VAL A 175 -17.59 9.15 5.48
CA VAL A 175 -17.82 10.56 5.74
C VAL A 175 -17.87 10.89 7.23
N GLU A 176 -18.47 10.01 8.04
CA GLU A 176 -18.58 10.26 9.48
C GLU A 176 -17.22 10.47 10.13
N LEU A 177 -16.19 9.79 9.61
CA LEU A 177 -14.84 9.95 10.14
C LEU A 177 -14.13 11.11 9.45
N PHE A 178 -14.24 11.18 8.13
CA PHE A 178 -13.56 12.24 7.37
C PHE A 178 -13.95 13.62 7.92
N MET A 179 -15.22 13.80 8.28
CA MET A 179 -15.73 15.10 8.74
C MET A 179 -15.04 15.64 9.99
N GLN A 180 -14.37 14.77 10.74
CA GLN A 180 -13.59 15.20 11.91
C GLN A 180 -12.54 16.23 11.53
N LEU A 181 -11.95 16.05 10.35
CA LEU A 181 -10.85 16.91 9.93
C LEU A 181 -11.27 18.37 9.90
N PRO A 182 -10.57 19.21 10.66
CA PRO A 182 -10.90 20.64 10.60
C PRO A 182 -10.75 21.20 9.18
N TRP A 183 -9.89 20.60 8.37
CA TRP A 183 -9.61 21.11 7.03
C TRP A 183 -10.24 20.21 5.97
N ARG A 184 -11.33 19.55 6.37
CA ARG A 184 -12.10 18.67 5.49
C ARG A 184 -12.47 19.31 4.13
N THR A 185 -12.90 20.57 4.15
CA THR A 185 -13.33 21.20 2.90
C THR A 185 -12.13 21.48 1.98
N GLU A 186 -11.04 21.95 2.55
CA GLU A 186 -9.83 22.22 1.77
C GLU A 186 -9.26 20.93 1.12
N ILE A 187 -9.27 19.82 1.84
CA ILE A 187 -8.80 18.54 1.28
C ILE A 187 -9.72 18.11 0.14
N THR A 188 -11.03 18.23 0.35
CA THR A 188 -12.01 17.82 -0.66
C THR A 188 -11.88 18.67 -1.95
N ASP A 189 -11.84 19.99 -1.79
CA ASP A 189 -11.60 20.90 -2.91
C ASP A 189 -10.26 20.58 -3.59
N GLY A 190 -9.27 20.21 -2.80
CA GLY A 190 -7.97 19.82 -3.32
C GLY A 190 -8.09 18.67 -4.32
N LEU A 191 -8.80 17.62 -3.92
CA LEU A 191 -8.95 16.43 -4.76
C LEU A 191 -9.80 16.74 -5.99
N LEU A 192 -10.82 17.58 -5.80
CA LEU A 192 -11.71 17.95 -6.91
C LEU A 192 -11.04 18.82 -7.97
N GLY A 193 -9.79 19.20 -7.72
CA GLY A 193 -9.02 19.90 -8.74
C GLY A 193 -8.59 18.96 -9.87
N ALA A 194 -8.72 17.65 -9.64
CA ALA A 194 -8.32 16.67 -10.66
C ALA A 194 -9.40 16.47 -11.72
N ASP A 195 -9.00 16.01 -12.91
CA ASP A 195 -9.95 15.56 -13.92
C ASP A 195 -10.42 14.13 -13.62
N LEU A 196 -9.56 13.38 -12.97
CA LEU A 196 -9.83 11.99 -12.60
C LEU A 196 -9.35 11.74 -11.20
N VAL A 197 -10.25 11.25 -10.35
CA VAL A 197 -9.86 10.82 -9.02
C VAL A 197 -10.08 9.32 -8.92
N GLY A 198 -9.02 8.57 -8.60
CA GLY A 198 -9.12 7.13 -8.52
C GLY A 198 -8.77 6.57 -7.16
N PHE A 199 -9.38 5.44 -6.85
CA PHE A 199 -9.18 4.70 -5.61
C PHE A 199 -9.03 3.24 -5.96
N HIS A 200 -8.54 2.42 -5.04
CA HIS A 200 -8.45 0.99 -5.34
C HIS A 200 -9.83 0.38 -5.52
N LEU A 201 -10.79 0.81 -4.68
CA LEU A 201 -12.06 0.10 -4.51
C LEU A 201 -13.26 0.99 -4.81
N PRO A 202 -14.35 0.38 -5.31
CA PRO A 202 -15.61 1.12 -5.51
C PRO A 202 -16.08 1.79 -4.21
N GLY A 203 -15.84 1.15 -3.07
CA GLY A 203 -16.21 1.72 -1.78
C GLY A 203 -15.63 3.09 -1.49
N GLY A 204 -14.36 3.28 -1.80
CA GLY A 204 -13.71 4.57 -1.62
C GLY A 204 -14.28 5.61 -2.58
N ALA A 205 -14.48 5.20 -3.82
CA ALA A 205 -15.07 6.07 -4.84
C ALA A 205 -16.46 6.55 -4.40
N GLN A 206 -17.25 5.64 -3.84
CA GLN A 206 -18.60 5.97 -3.42
C GLN A 206 -18.61 6.90 -2.19
N ASN A 207 -17.64 6.73 -1.29
CA ASN A 207 -17.49 7.66 -0.17
C ASN A 207 -17.15 9.05 -0.68
N PHE A 208 -16.30 9.11 -1.70
CA PHE A 208 -15.90 10.38 -2.27
C PHE A 208 -17.08 11.11 -2.92
N LEU A 209 -17.90 10.36 -3.66
CA LEU A 209 -19.09 10.93 -4.26
C LEU A 209 -20.04 11.49 -3.20
N PHE A 210 -20.28 10.72 -2.15
CA PHE A 210 -21.19 11.15 -1.08
C PHE A 210 -20.63 12.38 -0.38
N LEU A 211 -19.33 12.35 -0.10
CA LEU A 211 -18.65 13.50 0.51
C LEU A 211 -18.84 14.77 -0.33
N ALA A 212 -18.65 14.62 -1.63
CA ALA A 212 -18.82 15.75 -2.55
C ALA A 212 -20.21 16.36 -2.43
N ARG A 213 -21.23 15.52 -2.29
CA ARG A 213 -22.61 16.01 -2.15
C ARG A 213 -22.85 16.66 -0.78
N ARG A 214 -22.42 15.96 0.26
CA ARG A 214 -22.69 16.38 1.64
C ARG A 214 -21.91 17.64 2.04
N LEU A 215 -20.62 17.65 1.74
CA LEU A 215 -19.74 18.71 2.23
C LEU A 215 -19.65 19.87 1.24
N VAL A 216 -19.54 19.55 -0.05
CA VAL A 216 -19.32 20.57 -1.06
C VAL A 216 -20.63 20.96 -1.76
N GLY A 217 -21.65 20.12 -1.64
CA GLY A 217 -22.93 20.44 -2.27
C GLY A 217 -22.89 20.32 -3.77
N ALA A 218 -21.93 19.55 -4.29
CA ALA A 218 -21.85 19.33 -5.73
C ALA A 218 -22.85 18.27 -6.17
N ASN A 219 -23.28 18.36 -7.43
CA ASN A 219 -24.12 17.33 -8.01
CA ASN A 219 -24.12 17.32 -8.00
C ASN A 219 -23.25 16.17 -8.48
N THR A 220 -23.61 14.95 -8.08
CA THR A 220 -22.86 13.77 -8.48
C THR A 220 -23.77 12.70 -9.08
N SER A 221 -23.15 11.71 -9.72
CA SER A 221 -23.83 10.50 -10.12
C SER A 221 -24.21 9.71 -8.87
N ARG A 222 -25.24 8.85 -8.98
CA ARG A 222 -25.77 8.14 -7.82
C ARG A 222 -25.54 6.63 -7.86
N ALA A 223 -25.25 6.12 -9.05
CA ALA A 223 -25.05 4.68 -9.23
C ALA A 223 -23.80 4.15 -8.54
N SER A 224 -23.77 2.84 -8.34
CA SER A 224 -22.56 2.18 -7.88
C SER A 224 -21.43 2.40 -8.88
N VAL A 225 -20.20 2.42 -8.38
CA VAL A 225 -19.02 2.61 -9.21
C VAL A 225 -18.44 1.23 -9.55
N GLY A 226 -18.05 1.03 -10.81
CA GLY A 226 -17.56 -0.27 -11.23
C GLY A 226 -16.07 -0.45 -10.98
N VAL A 227 -15.54 -1.60 -11.35
CA VAL A 227 -14.10 -1.82 -11.31
C VAL A 227 -13.53 -1.50 -12.69
N ARG A 228 -12.68 -0.49 -12.76
CA ARG A 228 -12.09 -0.04 -14.03
C ARG A 228 -13.15 0.27 -15.07
N SER A 229 -14.34 0.65 -14.61
CA SER A 229 -15.49 0.87 -15.49
C SER A 229 -16.63 1.49 -14.70
N LYS A 230 -17.71 1.85 -15.40
CA LYS A 230 -18.90 2.41 -14.77
C LYS A 230 -18.50 3.55 -13.82
N PHE A 231 -17.80 4.53 -14.36
CA PHE A 231 -17.23 5.59 -13.56
C PHE A 231 -18.29 6.53 -12.99
N GLY A 232 -17.99 7.13 -11.84
CA GLY A 232 -18.86 8.15 -11.27
C GLY A 232 -18.45 9.52 -11.77
N GLU A 233 -19.25 10.53 -11.48
CA GLU A 233 -18.88 11.87 -11.88
C GLU A 233 -19.32 12.89 -10.83
N VAL A 234 -18.52 13.96 -10.70
CA VAL A 234 -18.85 15.10 -9.86
C VAL A 234 -18.87 16.33 -10.73
N GLN A 235 -19.96 17.09 -10.67
CA GLN A 235 -20.08 18.29 -11.47
C GLN A 235 -19.54 19.46 -10.66
N ILE A 236 -18.51 20.12 -11.18
CA ILE A 236 -17.92 21.28 -10.52
C ILE A 236 -17.95 22.46 -11.48
N GLY A 237 -18.92 23.35 -11.29
CA GLY A 237 -19.15 24.43 -12.23
C GLY A 237 -19.27 23.89 -13.64
N SER A 238 -18.38 24.33 -14.52
CA SER A 238 -18.41 23.93 -15.91
C SER A 238 -17.73 22.59 -16.17
N ARG A 239 -16.88 22.15 -15.24
CA ARG A 239 -16.17 20.92 -15.51
C ARG A 239 -16.69 19.73 -14.70
N THR A 240 -16.36 18.55 -15.20
CA THR A 240 -16.79 17.30 -14.61
C THR A 240 -15.55 16.58 -14.09
N VAL A 241 -15.64 16.07 -12.87
CA VAL A 241 -14.56 15.25 -12.34
C VAL A 241 -14.98 13.78 -12.46
N LYS A 242 -14.13 12.98 -13.10
CA LYS A 242 -14.36 11.55 -13.18
C LYS A 242 -13.88 10.85 -11.93
N VAL A 243 -14.63 9.85 -11.49
CA VAL A 243 -14.28 9.12 -10.27
C VAL A 243 -14.31 7.62 -10.56
N GLY A 244 -13.21 6.93 -10.24
CA GLY A 244 -13.14 5.52 -10.57
C GLY A 244 -12.41 4.66 -9.56
N ALA A 245 -12.56 3.34 -9.74
CA ALA A 245 -11.88 2.35 -8.93
C ALA A 245 -10.90 1.53 -9.80
N PHE A 246 -9.63 1.54 -9.42
CA PHE A 246 -8.58 0.88 -10.19
C PHE A 246 -7.70 0.14 -9.20
N PRO A 247 -7.94 -1.17 -9.01
CA PRO A 247 -7.19 -1.86 -7.96
C PRO A 247 -5.74 -2.13 -8.38
N ILE A 248 -4.78 -1.61 -7.62
CA ILE A 248 -3.37 -1.75 -8.00
C ILE A 248 -2.94 -3.22 -7.92
N SER A 249 -1.86 -3.55 -8.60
CA SER A 249 -1.32 -4.89 -8.50
C SER A 249 0.20 -4.83 -8.64
N ILE A 250 0.80 -5.97 -8.93
CA ILE A 250 2.25 -6.08 -9.06
C ILE A 250 2.65 -6.50 -10.47
N ASP A 251 3.96 -6.54 -10.74
CA ASP A 251 4.47 -7.16 -11.96
C ASP A 251 4.53 -8.65 -11.73
N SER A 252 3.38 -9.30 -11.85
CA SER A 252 3.19 -10.70 -11.49
C SER A 252 4.17 -11.65 -12.22
N ALA A 253 4.32 -11.44 -13.52
CA ALA A 253 5.18 -12.32 -14.32
C ALA A 253 6.64 -12.26 -13.89
N ASP A 254 7.11 -11.04 -13.58
CA ASP A 254 8.49 -10.84 -13.14
C ASP A 254 8.77 -11.53 -11.80
N LEU A 255 7.85 -11.40 -10.85
CA LEU A 255 8.01 -12.06 -9.57
C LEU A 255 7.95 -13.58 -9.70
N ASP A 256 7.03 -14.05 -10.53
CA ASP A 256 6.93 -15.46 -10.85
C ASP A 256 8.27 -16.01 -11.36
N ARG A 257 8.92 -15.29 -12.28
CA ARG A 257 10.23 -15.73 -12.79
C ARG A 257 11.29 -15.72 -11.69
N GLN A 258 11.36 -14.62 -10.95
CA GLN A 258 12.38 -14.44 -9.92
C GLN A 258 12.34 -15.52 -8.85
N ALA A 259 11.13 -15.93 -8.46
CA ALA A 259 10.95 -16.90 -7.39
C ALA A 259 11.41 -18.30 -7.81
N ARG A 260 11.56 -18.54 -9.11
CA ARG A 260 12.05 -19.83 -9.62
C ARG A 260 13.57 -19.93 -9.69
N GLN A 261 14.29 -18.86 -9.41
CA GLN A 261 15.76 -18.91 -9.52
C GLN A 261 16.35 -19.90 -8.53
N ARG A 262 17.45 -20.54 -8.92
CA ARG A 262 18.06 -21.58 -8.08
C ARG A 262 18.49 -21.03 -6.72
N SER A 263 19.10 -19.85 -6.71
CA SER A 263 19.57 -19.26 -5.47
C SER A 263 18.40 -18.98 -4.50
N ILE A 264 17.25 -18.60 -5.03
CA ILE A 264 16.08 -18.35 -4.18
C ILE A 264 15.62 -19.64 -3.54
N ARG A 265 15.50 -20.67 -4.37
CA ARG A 265 15.04 -21.97 -3.87
C ARG A 265 16.00 -22.57 -2.86
N GLN A 266 17.30 -22.40 -3.10
CA GLN A 266 18.29 -22.92 -2.15
C GLN A 266 18.24 -22.13 -0.83
N ARG A 267 18.00 -20.82 -0.91
CA ARG A 267 17.87 -20.04 0.32
C ARG A 267 16.62 -20.47 1.09
N ALA A 268 15.52 -20.75 0.38
CA ALA A 268 14.29 -21.17 1.05
C ALA A 268 14.53 -22.46 1.81
N ARG A 269 15.26 -23.39 1.19
CA ARG A 269 15.61 -24.63 1.87
C ARG A 269 16.48 -24.39 3.09
N GLN A 270 17.46 -23.51 2.95
CA GLN A 270 18.34 -23.17 4.06
C GLN A 270 17.57 -22.52 5.21
N ILE A 271 16.60 -21.68 4.87
CA ILE A 271 15.76 -21.05 5.90
C ILE A 271 15.08 -22.12 6.74
N ARG A 272 14.53 -23.13 6.07
CA ARG A 272 13.83 -24.19 6.80
C ARG A 272 14.82 -24.97 7.67
N ALA A 273 16.02 -25.21 7.17
CA ALA A 273 17.07 -25.90 7.94
C ALA A 273 17.45 -25.08 9.19
N GLU A 274 17.65 -23.78 9.02
CA GLU A 274 18.02 -22.91 10.13
C GLU A 274 16.94 -22.82 11.19
N LEU A 275 15.70 -23.08 10.80
CA LEU A 275 14.59 -23.12 11.74
C LEU A 275 14.46 -24.51 12.37
N GLY A 276 15.40 -25.39 12.08
CA GLY A 276 15.37 -26.74 12.64
C GLY A 276 14.38 -27.65 11.96
N ASN A 277 14.20 -27.44 10.66
CA ASN A 277 13.25 -28.16 9.81
C ASN A 277 11.86 -28.40 10.40
N PRO A 278 11.12 -27.31 10.66
CA PRO A 278 9.73 -27.42 11.10
C PRO A 278 8.87 -28.07 10.02
N ARG A 279 7.77 -28.68 10.42
CA ARG A 279 6.80 -29.18 9.44
C ARG A 279 6.06 -28.02 8.79
N ARG A 280 5.75 -26.99 9.57
CA ARG A 280 5.00 -25.84 9.07
C ARG A 280 5.61 -24.53 9.51
N ILE A 281 5.70 -23.60 8.56
CA ILE A 281 6.17 -22.25 8.82
C ILE A 281 5.04 -21.27 8.49
N LEU A 282 4.65 -20.47 9.47
CA LEU A 282 3.76 -19.33 9.21
C LEU A 282 4.63 -18.11 9.03
N LEU A 283 4.25 -17.22 8.14
CA LEU A 283 5.06 -16.05 7.85
C LEU A 283 4.21 -14.78 7.86
N GLY A 284 4.75 -13.74 8.50
CA GLY A 284 4.20 -12.40 8.37
C GLY A 284 5.28 -11.48 7.85
N VAL A 285 4.93 -10.63 6.86
CA VAL A 285 5.85 -9.63 6.33
C VAL A 285 5.15 -8.28 6.21
N ASP A 286 5.60 -7.28 6.96
CA ASP A 286 4.92 -5.98 6.97
C ASP A 286 5.87 -4.90 7.42
N ARG A 287 5.58 -3.66 7.00
CA ARG A 287 6.14 -2.52 7.70
CA ARG A 287 6.10 -2.49 7.67
C ARG A 287 5.46 -2.49 9.05
N LEU A 288 6.21 -2.14 10.09
CA LEU A 288 5.64 -2.15 11.43
C LEU A 288 4.62 -1.01 11.57
N ASP A 289 3.33 -1.35 11.48
CA ASP A 289 2.28 -0.31 11.48
C ASP A 289 1.06 -0.87 12.20
N TYR A 290 0.34 -0.02 12.93
CA TYR A 290 -0.81 -0.50 13.68
C TYR A 290 -1.96 -0.90 12.77
N THR A 291 -1.88 -0.53 11.49
CA THR A 291 -2.92 -0.94 10.57
C THR A 291 -2.76 -2.41 10.14
N LYS A 292 -1.61 -3.02 10.43
CA LYS A 292 -1.27 -4.31 9.80
C LYS A 292 -1.75 -5.55 10.56
N GLY A 293 -2.27 -5.35 11.76
CA GLY A 293 -2.84 -6.44 12.55
C GLY A 293 -1.83 -7.51 12.95
N ILE A 294 -0.59 -7.10 13.23
CA ILE A 294 0.44 -8.04 13.65
C ILE A 294 0.10 -8.58 15.03
N ASP A 295 -0.47 -7.73 15.87
CA ASP A 295 -0.85 -8.15 17.22
C ASP A 295 -1.91 -9.24 17.18
N VAL A 296 -2.80 -9.18 16.20
CA VAL A 296 -3.84 -10.21 16.07
C VAL A 296 -3.24 -11.59 15.74
N ARG A 297 -2.23 -11.61 14.88
CA ARG A 297 -1.57 -12.88 14.53
C ARG A 297 -0.94 -13.53 15.72
N LEU A 298 -0.23 -12.72 16.51
CA LEU A 298 0.46 -13.21 17.69
C LEU A 298 -0.54 -13.67 18.75
N GLN A 299 -1.62 -12.92 18.96
CA GLN A 299 -2.66 -13.34 19.90
C GLN A 299 -3.26 -14.69 19.49
N ALA A 300 -3.62 -14.82 18.21
CA ALA A 300 -4.23 -16.06 17.72
C ALA A 300 -3.27 -17.24 17.88
N PHE A 301 -2.00 -17.01 17.51
CA PHE A 301 -0.99 -18.07 17.58
C PHE A 301 -0.78 -18.50 19.04
N ALA A 302 -0.68 -17.52 19.94
CA ALA A 302 -0.52 -17.82 21.36
C ALA A 302 -1.68 -18.65 21.91
N GLU A 303 -2.90 -18.31 21.53
CA GLU A 303 -4.06 -19.01 22.06
C GLU A 303 -4.16 -20.42 21.46
N LEU A 304 -3.80 -20.56 20.19
CA LEU A 304 -3.78 -21.90 19.57
C LEU A 304 -2.77 -22.83 20.26
N LEU A 305 -1.63 -22.26 20.65
CA LEU A 305 -0.62 -23.03 21.39
C LEU A 305 -1.14 -23.40 22.77
N ALA A 306 -1.78 -22.45 23.45
CA ALA A 306 -2.37 -22.71 24.76
C ALA A 306 -3.38 -23.84 24.68
N GLU A 307 -4.16 -23.85 23.59
CA GLU A 307 -5.25 -24.82 23.44
C GLU A 307 -4.77 -26.14 22.87
N GLY A 308 -3.47 -26.25 22.58
CA GLY A 308 -2.93 -27.47 22.00
C GLY A 308 -3.41 -27.75 20.60
N ARG A 309 -3.86 -26.72 19.88
CA ARG A 309 -4.41 -26.90 18.54
C ARG A 309 -3.34 -26.71 17.47
N VAL A 310 -2.21 -26.16 17.88
CA VAL A 310 -1.04 -26.07 17.02
C VAL A 310 0.09 -26.77 17.77
N ASN A 311 0.92 -27.52 17.05
CA ASN A 311 1.99 -28.29 17.67
C ASN A 311 3.24 -27.45 17.87
N ARG A 312 3.58 -27.16 19.13
CA ARG A 312 4.70 -26.27 19.43
CA ARG A 312 4.70 -26.27 19.43
C ARG A 312 6.04 -26.90 19.07
N GLU A 313 6.04 -28.19 18.78
CA GLU A 313 7.28 -28.88 18.42
C GLU A 313 7.58 -28.84 16.93
N ASP A 314 6.59 -28.63 16.05
CA ASP A 314 6.90 -28.68 14.62
C ASP A 314 6.34 -27.51 13.80
N THR A 315 5.85 -26.49 14.49
CA THR A 315 5.25 -25.35 13.83
C THR A 315 5.89 -24.06 14.35
N VAL A 316 6.24 -23.15 13.44
CA VAL A 316 6.95 -21.94 13.83
C VAL A 316 6.38 -20.75 13.06
N PHE A 317 6.36 -19.60 13.71
CA PHE A 317 5.86 -18.36 13.12
C PHE A 317 7.03 -17.38 12.99
N VAL A 318 7.28 -16.94 11.77
CA VAL A 318 8.31 -15.95 11.49
C VAL A 318 7.61 -14.63 11.14
N GLN A 319 7.93 -13.57 11.88
CA GLN A 319 7.39 -12.24 11.61
C GLN A 319 8.53 -11.29 11.27
N LEU A 320 8.53 -10.81 10.04
CA LEU A 320 9.52 -9.85 9.56
C LEU A 320 8.88 -8.47 9.55
N ALA A 321 9.27 -7.63 10.51
CA ALA A 321 8.71 -6.28 10.61
C ALA A 321 9.73 -5.27 10.15
N THR A 322 9.41 -4.52 9.11
CA THR A 322 10.32 -3.47 8.65
C THR A 322 10.10 -2.20 9.48
N PRO A 323 11.18 -1.59 10.00
CA PRO A 323 11.03 -0.42 10.87
C PRO A 323 10.38 0.74 10.14
N SER A 324 9.58 1.50 10.86
CA SER A 324 8.76 2.53 10.24
C SER A 324 8.46 3.66 11.21
N ARG A 325 8.65 4.90 10.76
CA ARG A 325 8.12 6.08 11.46
C ARG A 325 8.50 6.13 12.93
N GLU A 326 9.79 5.93 13.20
CA GLU A 326 10.31 5.86 14.56
C GLU A 326 10.13 7.15 15.34
N ARG A 327 10.08 8.28 14.63
CA ARG A 327 9.89 9.56 15.30
C ARG A 327 8.42 9.84 15.67
N VAL A 328 7.52 8.94 15.29
CA VAL A 328 6.10 9.08 15.62
C VAL A 328 5.75 8.25 16.86
N GLU A 329 5.28 8.90 17.93
CA GLU A 329 5.12 8.20 19.21
C GLU A 329 4.26 6.93 19.17
N ALA A 330 3.14 6.97 18.44
CA ALA A 330 2.26 5.80 18.31
C ALA A 330 3.00 4.53 17.89
N TYR A 331 4.07 4.70 17.12
CA TYR A 331 4.78 3.57 16.55
C TYR A 331 5.77 2.97 17.53
N ARG A 332 6.27 3.79 18.44
CA ARG A 332 7.17 3.31 19.47
C ARG A 332 6.37 2.49 20.47
N LEU A 333 5.13 2.93 20.74
CA LEU A 333 4.23 2.18 21.61
C LEU A 333 3.80 0.85 20.99
N LEU A 334 3.53 0.87 19.70
CA LEU A 334 3.19 -0.35 18.97
C LEU A 334 4.36 -1.35 19.03
N ARG A 335 5.57 -0.86 18.83
CA ARG A 335 6.76 -1.73 18.81
C ARG A 335 6.90 -2.43 20.17
N ASP A 336 6.71 -1.65 21.24
CA ASP A 336 6.76 -2.17 22.61
C ASP A 336 5.75 -3.29 22.83
N ASP A 337 4.52 -3.10 22.35
CA ASP A 337 3.46 -4.09 22.51
C ASP A 337 3.75 -5.38 21.73
N ILE A 338 4.19 -5.26 20.49
CA ILE A 338 4.51 -6.43 19.67
C ILE A 338 5.66 -7.22 20.31
N GLU A 339 6.67 -6.50 20.78
CA GLU A 339 7.87 -7.14 21.30
C GLU A 339 7.58 -7.87 22.62
N ARG A 340 6.68 -7.31 23.43
CA ARG A 340 6.20 -8.01 24.62
C ARG A 340 5.54 -9.34 24.27
N GLN A 341 4.63 -9.31 23.29
CA GLN A 341 3.95 -10.51 22.84
C GLN A 341 4.94 -11.58 22.39
N VAL A 342 5.97 -11.17 21.65
CA VAL A 342 6.98 -12.12 21.16
C VAL A 342 7.72 -12.77 22.33
N GLY A 343 8.24 -11.94 23.22
CA GLY A 343 8.93 -12.47 24.39
C GLY A 343 8.03 -13.37 25.23
N HIS A 344 6.77 -12.97 25.36
CA HIS A 344 5.81 -13.74 26.16
C HIS A 344 5.54 -15.13 25.58
N ILE A 345 5.26 -15.19 24.28
CA ILE A 345 4.90 -16.44 23.63
C ILE A 345 6.09 -17.40 23.65
N ASN A 346 7.29 -16.90 23.41
CA ASN A 346 8.46 -17.78 23.47
C ASN A 346 8.76 -18.27 24.89
N GLY A 347 8.59 -17.39 25.88
CA GLY A 347 8.83 -17.79 27.26
C GLY A 347 7.87 -18.87 27.73
N GLU A 348 6.66 -18.85 27.17
CA GLU A 348 5.61 -19.79 27.57
C GLU A 348 5.66 -21.11 26.78
N TYR A 349 5.97 -21.05 25.49
CA TYR A 349 5.83 -22.24 24.62
C TYR A 349 7.09 -22.69 23.91
N GLY A 350 8.15 -21.88 23.98
CA GLY A 350 9.41 -22.26 23.36
C GLY A 350 10.23 -23.24 24.18
N GLU A 351 11.40 -23.59 23.66
CA GLU A 351 12.40 -24.37 24.38
C GLU A 351 13.72 -23.67 24.16
N VAL A 352 14.70 -23.90 25.03
CA VAL A 352 16.02 -23.32 24.80
C VAL A 352 16.58 -23.88 23.50
N GLY A 353 16.97 -22.97 22.62
CA GLY A 353 17.41 -23.38 21.29
C GLY A 353 16.26 -23.56 20.32
N HIS A 354 15.02 -23.29 20.76
CA HIS A 354 13.88 -23.46 19.86
C HIS A 354 12.67 -22.57 20.20
N PRO A 355 12.70 -21.32 19.72
CA PRO A 355 11.52 -20.45 19.84
C PRO A 355 10.38 -20.93 18.95
N VAL A 356 9.15 -20.56 19.31
CA VAL A 356 8.01 -20.77 18.41
C VAL A 356 7.76 -19.53 17.56
N VAL A 357 8.33 -18.40 17.97
CA VAL A 357 8.21 -17.17 17.18
C VAL A 357 9.58 -16.54 16.93
N HIS A 358 9.89 -16.30 15.65
CA HIS A 358 11.11 -15.61 15.26
C HIS A 358 10.69 -14.25 14.74
N TYR A 359 11.21 -13.21 15.36
CA TYR A 359 10.77 -11.87 15.06
C TYR A 359 11.98 -11.03 14.72
N LEU A 360 11.95 -10.38 13.57
CA LEU A 360 13.06 -9.52 13.17
C LEU A 360 12.54 -8.13 12.83
N HIS A 361 13.17 -7.13 13.43
CA HIS A 361 12.80 -5.74 13.24
C HIS A 361 13.93 -5.05 12.48
N ARG A 362 13.93 -5.20 11.16
CA ARG A 362 14.99 -4.61 10.32
C ARG A 362 14.56 -4.68 8.86
N PRO A 363 15.19 -3.85 8.01
CA PRO A 363 14.88 -3.94 6.57
C PRO A 363 15.32 -5.31 6.05
N VAL A 364 14.59 -5.83 5.06
CA VAL A 364 14.96 -7.12 4.46
C VAL A 364 15.15 -6.97 2.95
N PRO A 365 16.29 -7.43 2.43
CA PRO A 365 16.52 -7.38 0.98
C PRO A 365 15.43 -8.15 0.25
N ARG A 366 15.05 -7.67 -0.93
CA ARG A 366 13.96 -8.27 -1.68
C ARG A 366 14.18 -9.76 -1.99
N GLU A 367 15.41 -10.16 -2.29
CA GLU A 367 15.69 -11.56 -2.62
C GLU A 367 15.49 -12.46 -1.40
N GLU A 368 15.78 -11.91 -0.22
CA GLU A 368 15.55 -12.64 1.03
C GLU A 368 14.05 -12.77 1.30
N LEU A 369 13.30 -11.69 1.08
CA LEU A 369 11.85 -11.71 1.19
CA LEU A 369 11.85 -11.75 1.23
C LEU A 369 11.24 -12.80 0.31
N ILE A 370 11.68 -12.84 -0.95
CA ILE A 370 11.17 -13.81 -1.89
C ILE A 370 11.45 -15.25 -1.42
N ALA A 371 12.65 -15.47 -0.88
CA ALA A 371 12.99 -16.79 -0.34
C ALA A 371 12.08 -17.17 0.83
N PHE A 372 11.73 -16.20 1.67
CA PHE A 372 10.78 -16.47 2.75
C PHE A 372 9.37 -16.81 2.22
N PHE A 373 8.92 -16.09 1.18
CA PHE A 373 7.63 -16.43 0.54
C PHE A 373 7.64 -17.90 0.07
N VAL A 374 8.73 -18.30 -0.56
CA VAL A 374 8.86 -19.66 -1.11
C VAL A 374 8.92 -20.69 0.03
N ALA A 375 9.52 -20.33 1.15
CA ALA A 375 9.64 -21.28 2.27
C ALA A 375 8.34 -21.40 3.10
N ALA A 376 7.51 -20.36 3.09
CA ALA A 376 6.37 -20.28 4.01
C ALA A 376 5.17 -21.15 3.63
N ASP A 377 4.74 -22.03 4.53
CA ASP A 377 3.54 -22.82 4.32
C ASP A 377 2.24 -22.01 4.46
N VAL A 378 2.25 -21.00 5.33
CA VAL A 378 1.06 -20.17 5.53
C VAL A 378 1.51 -18.71 5.58
N MET A 379 0.95 -17.90 4.68
CA MET A 379 1.21 -16.46 4.68
C MET A 379 0.10 -15.76 5.48
N LEU A 380 0.48 -15.03 6.52
CA LEU A 380 -0.50 -14.34 7.36
C LEU A 380 -0.53 -12.86 7.01
N VAL A 381 -1.56 -12.45 6.28
CA VAL A 381 -1.74 -11.04 5.96
C VAL A 381 -3.05 -10.58 6.58
N THR A 382 -2.99 -10.08 7.83
CA THR A 382 -4.20 -9.78 8.61
C THR A 382 -4.40 -8.30 9.03
N PRO A 383 -4.23 -7.35 8.09
CA PRO A 383 -4.49 -5.95 8.46
C PRO A 383 -5.88 -5.67 8.99
N LEU A 384 -5.93 -4.74 9.94
CA LEU A 384 -7.19 -4.17 10.41
C LEU A 384 -7.84 -3.31 9.31
N ARG A 385 -7.00 -2.72 8.48
CA ARG A 385 -7.44 -1.86 7.39
C ARG A 385 -6.24 -1.58 6.47
N ASP A 386 -6.39 -1.83 5.16
CA ASP A 386 -5.26 -1.64 4.23
C ASP A 386 -5.79 -1.28 2.85
N GLY A 387 -5.16 -0.30 2.19
CA GLY A 387 -5.61 0.13 0.88
C GLY A 387 -5.69 -1.02 -0.13
N MET A 388 -4.58 -1.73 -0.30
CA MET A 388 -4.60 -2.93 -1.16
C MET A 388 -3.91 -4.09 -0.45
N ASN A 389 -2.63 -3.87 -0.17
CA ASN A 389 -1.67 -4.85 0.35
C ASN A 389 -1.14 -5.73 -0.78
N LEU A 390 0.08 -5.43 -1.20
CA LEU A 390 0.69 -6.13 -2.31
C LEU A 390 1.50 -7.35 -1.86
N VAL A 391 1.78 -7.45 -0.57
CA VAL A 391 2.48 -8.61 -0.03
C VAL A 391 1.65 -9.86 -0.29
N ALA A 392 0.33 -9.75 -0.14
CA ALA A 392 -0.57 -10.86 -0.43
C ALA A 392 -0.43 -11.33 -1.88
N LYS A 393 -0.40 -10.40 -2.81
CA LYS A 393 -0.27 -10.74 -4.22
C LYS A 393 1.13 -11.25 -4.57
N GLU A 394 2.15 -10.73 -3.89
CA GLU A 394 3.52 -11.17 -4.16
C GLU A 394 3.71 -12.63 -3.75
N TYR A 395 3.17 -12.99 -2.59
CA TYR A 395 3.22 -14.37 -2.13
C TYR A 395 2.64 -15.31 -3.16
N VAL A 396 1.44 -14.98 -3.63
CA VAL A 396 0.75 -15.73 -4.67
C VAL A 396 1.60 -15.90 -5.93
N ALA A 397 2.17 -14.80 -6.41
CA ALA A 397 3.00 -14.84 -7.62
C ALA A 397 4.25 -15.71 -7.44
N CYS A 398 4.74 -15.81 -6.21
CA CYS A 398 5.95 -16.60 -5.94
C CYS A 398 5.69 -18.09 -5.85
N ARG A 399 4.46 -18.49 -5.57
CA ARG A 399 4.19 -19.92 -5.35
C ARG A 399 3.77 -20.66 -6.64
N SER A 400 4.64 -20.63 -7.65
CA SER A 400 4.37 -21.39 -8.88
C SER A 400 4.40 -22.89 -8.65
N ASP A 401 4.95 -23.31 -7.52
CA ASP A 401 4.89 -24.72 -7.11
C ASP A 401 3.48 -25.10 -6.64
N LEU A 402 2.61 -24.09 -6.49
CA LEU A 402 1.24 -24.23 -6.01
C LEU A 402 1.14 -24.67 -4.55
N GLY A 403 2.26 -24.65 -3.85
CA GLY A 403 2.28 -24.90 -2.42
C GLY A 403 1.88 -23.65 -1.64
N GLY A 404 1.79 -23.78 -0.32
CA GLY A 404 1.46 -22.63 0.52
C GLY A 404 -0.03 -22.36 0.68
N ALA A 405 -0.34 -21.33 1.47
CA ALA A 405 -1.70 -20.95 1.79
C ALA A 405 -1.72 -19.49 2.20
N LEU A 406 -2.73 -18.76 1.77
CA LEU A 406 -2.82 -17.34 2.08
C LEU A 406 -3.99 -17.10 3.02
N VAL A 407 -3.70 -16.61 4.22
CA VAL A 407 -4.73 -16.17 5.16
C VAL A 407 -4.78 -14.65 5.05
N LEU A 408 -5.95 -14.13 4.68
CA LEU A 408 -6.06 -12.72 4.26
C LEU A 408 -7.22 -11.99 4.93
N SER A 409 -6.95 -10.83 5.52
CA SER A 409 -8.00 -10.02 6.11
C SER A 409 -8.97 -9.50 5.05
N GLU A 410 -10.26 -9.60 5.33
CA GLU A 410 -11.31 -8.94 4.54
C GLU A 410 -11.14 -7.43 4.41
N PHE A 411 -10.40 -6.82 5.34
CA PHE A 411 -10.30 -5.36 5.40
C PHE A 411 -9.10 -4.86 4.60
N THR A 412 -8.73 -5.61 3.57
CA THR A 412 -7.73 -5.18 2.61
C THR A 412 -8.39 -5.04 1.26
N GLY A 413 -7.86 -4.15 0.43
CA GLY A 413 -8.31 -4.10 -0.96
C GLY A 413 -8.09 -5.43 -1.65
N ALA A 414 -7.04 -6.15 -1.27
CA ALA A 414 -6.71 -7.41 -1.92
C ALA A 414 -7.81 -8.46 -1.78
N ALA A 415 -8.54 -8.42 -0.67
CA ALA A 415 -9.61 -9.38 -0.42
C ALA A 415 -10.73 -9.31 -1.46
N ALA A 416 -10.88 -8.17 -2.13
CA ALA A 416 -11.88 -8.06 -3.20
C ALA A 416 -11.51 -8.88 -4.43
N GLU A 417 -10.23 -9.20 -4.58
CA GLU A 417 -9.76 -9.97 -5.76
C GLU A 417 -9.30 -11.39 -5.40
N LEU A 418 -8.87 -11.58 -4.16
CA LEU A 418 -8.27 -12.86 -3.74
C LEU A 418 -9.24 -13.68 -2.88
N GLY A 419 -10.47 -13.82 -3.36
CA GLY A 419 -11.52 -14.51 -2.62
C GLY A 419 -11.26 -15.98 -2.36
N GLN A 420 -10.33 -16.56 -3.13
CA GLN A 420 -9.95 -17.96 -2.98
C GLN A 420 -9.02 -18.21 -1.81
N ALA A 421 -8.45 -17.13 -1.27
CA ALA A 421 -7.65 -17.21 -0.05
C ALA A 421 -8.54 -17.59 1.13
N TYR A 422 -7.92 -17.89 2.28
CA TYR A 422 -8.67 -18.05 3.51
C TYR A 422 -8.96 -16.67 4.11
N LEU A 423 -10.16 -16.14 3.87
CA LEU A 423 -10.49 -14.78 4.28
C LEU A 423 -10.89 -14.75 5.75
N VAL A 424 -10.44 -13.72 6.47
CA VAL A 424 -10.79 -13.60 7.88
C VAL A 424 -11.19 -12.17 8.24
N ASN A 425 -12.11 -12.07 9.18
CA ASN A 425 -12.36 -10.81 9.89
C ASN A 425 -11.39 -10.79 11.08
N PRO A 426 -10.36 -9.94 11.02
CA PRO A 426 -9.35 -9.98 12.08
C PRO A 426 -9.91 -9.66 13.46
N HIS A 427 -11.09 -9.03 13.54
CA HIS A 427 -11.73 -8.75 14.83
C HIS A 427 -12.43 -9.99 15.38
N ASN A 428 -12.66 -10.98 14.51
CA ASN A 428 -13.27 -12.23 14.93
C ASN A 428 -12.15 -13.21 15.27
N LEU A 429 -11.61 -13.10 16.48
CA LEU A 429 -10.41 -13.88 16.82
C LEU A 429 -10.66 -15.39 16.77
N ASP A 430 -11.85 -15.82 17.19
CA ASP A 430 -12.21 -17.25 17.13
C ASP A 430 -12.07 -17.80 15.71
N HIS A 431 -12.50 -17.01 14.73
CA HIS A 431 -12.46 -17.45 13.35
C HIS A 431 -11.06 -17.31 12.75
N VAL A 432 -10.31 -16.30 13.20
CA VAL A 432 -8.90 -16.20 12.80
C VAL A 432 -8.17 -17.46 13.23
N LYS A 433 -8.41 -17.88 14.48
CA LYS A 433 -7.79 -19.10 15.01
C LYS A 433 -8.22 -20.35 14.22
N ASP A 434 -9.53 -20.52 14.01
CA ASP A 434 -10.04 -21.66 13.23
C ASP A 434 -9.38 -21.69 11.84
N THR A 435 -9.23 -20.52 11.25
CA THR A 435 -8.71 -20.40 9.90
C THR A 435 -7.20 -20.71 9.83
N MET A 436 -6.43 -20.30 10.84
CA MET A 436 -5.01 -20.64 10.86
C MET A 436 -4.81 -22.15 10.97
N VAL A 437 -5.62 -22.80 11.79
CA VAL A 437 -5.62 -24.26 11.88
C VAL A 437 -5.97 -24.91 10.53
N ALA A 438 -6.99 -24.39 9.88
CA ALA A 438 -7.43 -24.91 8.58
C ALA A 438 -6.32 -24.79 7.54
N ALA A 439 -5.69 -23.63 7.47
CA ALA A 439 -4.59 -23.40 6.51
C ALA A 439 -3.39 -24.30 6.80
N LEU A 440 -3.07 -24.46 8.07
CA LEU A 440 -1.94 -25.31 8.48
C LEU A 440 -2.17 -26.77 8.15
N ASN A 441 -3.43 -27.20 8.17
CA ASN A 441 -3.73 -28.61 7.99
C ASN A 441 -4.46 -28.96 6.70
N GLN A 442 -4.50 -28.02 5.76
CA GLN A 442 -5.21 -28.23 4.51
C GLN A 442 -4.62 -29.43 3.76
N THR A 443 -5.43 -30.13 2.99
CA THR A 443 -4.89 -31.19 2.15
C THR A 443 -4.03 -30.56 1.05
N PRO A 444 -3.03 -31.28 0.55
CA PRO A 444 -2.26 -30.82 -0.61
C PRO A 444 -3.14 -30.39 -1.78
N GLU A 445 -4.15 -31.20 -2.09
CA GLU A 445 -5.01 -30.88 -3.24
C GLU A 445 -5.81 -29.59 -3.02
N GLU A 446 -6.37 -29.42 -1.83
CA GLU A 446 -7.15 -28.21 -1.58
C GLU A 446 -6.26 -26.97 -1.62
N GLY A 447 -5.06 -27.09 -1.08
CA GLY A 447 -4.12 -25.98 -1.12
C GLY A 447 -3.80 -25.61 -2.56
N ARG A 448 -3.55 -26.61 -3.39
CA ARG A 448 -3.24 -26.36 -4.80
C ARG A 448 -4.40 -25.72 -5.54
N ARG A 449 -5.62 -26.16 -5.25
CA ARG A 449 -6.80 -25.62 -5.92
C ARG A 449 -6.92 -24.12 -5.64
N ARG A 450 -6.75 -23.74 -4.38
CA ARG A 450 -6.82 -22.33 -4.02
C ARG A 450 -5.69 -21.53 -4.66
N MET A 451 -4.47 -22.06 -4.61
CA MET A 451 -3.32 -21.31 -5.07
C MET A 451 -3.36 -21.17 -6.59
N ARG A 452 -3.85 -22.21 -7.26
CA ARG A 452 -4.03 -22.15 -8.69
C ARG A 452 -5.02 -21.05 -9.08
N ALA A 453 -6.13 -20.96 -8.36
CA ALA A 453 -7.13 -19.94 -8.67
C ALA A 453 -6.60 -18.53 -8.35
N LEU A 454 -5.88 -18.38 -7.25
CA LEU A 454 -5.32 -17.08 -6.88
C LEU A 454 -4.31 -16.63 -7.92
N ARG A 455 -3.48 -17.55 -8.39
CA ARG A 455 -2.46 -17.22 -9.38
C ARG A 455 -3.08 -16.80 -10.72
N ARG A 456 -4.16 -17.46 -11.12
CA ARG A 456 -4.84 -17.05 -12.36
C ARG A 456 -5.25 -15.58 -12.28
N GLN A 457 -5.78 -15.19 -11.12
CA GLN A 457 -6.23 -13.80 -10.94
C GLN A 457 -5.05 -12.85 -10.98
N VAL A 458 -4.02 -13.15 -10.21
CA VAL A 458 -2.90 -12.23 -10.04
C VAL A 458 -2.04 -12.14 -11.31
N LEU A 459 -1.87 -13.26 -12.01
CA LEU A 459 -1.12 -13.23 -13.28
C LEU A 459 -1.84 -12.41 -14.35
N ALA A 460 -3.17 -12.47 -14.35
CA ALA A 460 -3.94 -11.75 -15.37
C ALA A 460 -4.19 -10.28 -15.00
N HIS A 461 -4.27 -9.99 -13.70
CA HIS A 461 -4.53 -8.61 -13.29
C HIS A 461 -3.29 -8.03 -12.63
N ASP A 462 -2.39 -7.52 -13.46
CA ASP A 462 -1.09 -7.08 -12.98
C ASP A 462 -0.99 -5.55 -12.98
N VAL A 463 0.17 -5.02 -12.67
CA VAL A 463 0.34 -3.57 -12.54
C VAL A 463 0.22 -2.90 -13.91
N ASP A 464 0.55 -3.64 -14.96
CA ASP A 464 0.38 -3.10 -16.31
C ASP A 464 -1.10 -2.84 -16.63
N LEU A 465 -1.97 -3.79 -16.32
CA LEU A 465 -3.39 -3.61 -16.53
C LEU A 465 -3.91 -2.40 -15.73
N TRP A 466 -3.48 -2.33 -14.47
CA TRP A 466 -3.87 -1.22 -13.60
C TRP A 466 -3.49 0.14 -14.19
N ALA A 467 -2.21 0.31 -14.49
CA ALA A 467 -1.71 1.59 -14.99
C ALA A 467 -2.36 2.00 -16.32
N ARG A 468 -2.54 1.05 -17.24
CA ARG A 468 -3.17 1.37 -18.52
C ARG A 468 -4.64 1.78 -18.33
N SER A 469 -5.33 1.11 -17.40
CA SER A 469 -6.73 1.40 -17.15
CA SER A 469 -6.73 1.41 -17.16
C SER A 469 -6.91 2.83 -16.62
N PHE A 470 -6.06 3.22 -15.67
CA PHE A 470 -6.12 4.57 -15.10
C PHE A 470 -5.77 5.60 -16.18
N LEU A 471 -4.70 5.36 -16.93
CA LEU A 471 -4.30 6.32 -17.95
C LEU A 471 -5.30 6.41 -19.11
N ASP A 472 -5.92 5.30 -19.48
CA ASP A 472 -6.98 5.34 -20.49
C ASP A 472 -8.14 6.20 -20.00
N ALA A 473 -8.52 6.01 -18.74
CA ALA A 473 -9.61 6.79 -18.15
C ALA A 473 -9.27 8.28 -18.13
N LEU A 474 -8.03 8.58 -17.77
CA LEU A 474 -7.60 9.97 -17.69
C LEU A 474 -7.58 10.63 -19.06
N ALA A 475 -7.02 9.92 -20.04
CA ALA A 475 -6.96 10.42 -21.42
C ALA A 475 -8.37 10.68 -21.95
N SER A 476 -9.31 9.87 -21.49
CA SER A 476 -10.72 10.01 -21.86
C SER A 476 -11.34 11.35 -21.40
N THR A 477 -10.73 12.00 -20.40
CA THR A 477 -11.28 13.27 -19.91
C THR A 477 -10.91 14.46 -20.80
N ARG A 478 -10.15 14.23 -21.86
CA ARG A 478 -9.76 15.30 -22.76
C ARG A 478 -10.84 15.63 -23.80
#